data_8F7J
#
_entry.id   8F7J
#
_cell.length_a   1.00
_cell.length_b   1.00
_cell.length_c   1.00
_cell.angle_alpha   90.00
_cell.angle_beta   90.00
_cell.angle_gamma   90.00
#
_symmetry.space_group_name_H-M   'P 1'
#
_entity_poly.entity_id   1
_entity_poly.type   'polypeptide(L)'
_entity_poly.pdbx_seq_one_letter_code
;MIPVTELRYFADTQPAYRILKPWWDVFTDYISIVMLMIAVFGGTLQVDQDKMICLPCKWVTKDSCNDSFRGWAASSADLE
DNWETLNDNLKVIEKADNAAQVKDALTKMRAAALDAQKATPPKLEDKSPDSPEMKDFRHGFDILVGQIDDALKLANEGKV
KEAQAAAEQLKTTRNAYIQKYLDTGPTGIKYDLDRHQYNYVDAVCYENRLHWFAKYFPYLVLLHTLIFLACSNFWFKFPR
TSSKLEHFVSILLKCFDSPWTTRALSETVVEESDPKPAFSKMNGSMDKKSSTVSEDVEATVPMLQRTKSRIEQGIVDRSE
TGVLDKKEGEQAKALFEKVKKFRTHVEEGDIVYRLYMRQTIIKVIKFALIICYTVYYVHNIKFDVDCTVDIESLTGYRTY
RCAHPLATLFKILASFYISLVIFYGLICMYTLWWMLRRSLKKYSFESIREESSYSDIPDVKNDFAFMLHLIDQYDPLYSK
RFAVFLSEVSENKLRQLNLNNEWTLDKLRQRLTKNAQDKLELHLFMLSGIPDTVFDLVELEVLKLELIPDVTIPPSIAQL
TGLKELWLYHTAAKIEAPALAFLRENLRALHIKFTDIKEIPLWIYSLKTLEELHLTGNLSAENNRYIVIDGLRELKRLKV
LRLKSNLSKLPQVVTDVGVHLQKLSINNEGTKLIVLNSLKKMVNLTELELIRCDLERIPHSIFSLHNLQEIDLKDNNLKT
IEEIISFQHLHRLTCLKLWYNHIAYIPIQIGNLTNLERLYLNRNKIEKIPTQLFYCRKLRYLDLSHNNLTFLPADIGLLQ
NLQNLAVTANRIEALPPELFQCRKLRALHLGNNVLQSLPSRVGELTNLTQIELRGNRLECLPVELGECPLLKRSGLVVEE
DLFSTLPPEVKERLWRADKEQASNSLEVLFQ
;
_entity_poly.pdbx_strand_id   E
#
# COMPACT_ATOMS: atom_id res chain seq x y z
N LEU A 494 -5.79 -37.68 -21.63
CA LEU A 494 -7.23 -37.33 -21.73
C LEU A 494 -7.53 -36.12 -20.84
N ARG A 495 -7.01 -36.13 -19.61
CA ARG A 495 -7.30 -35.01 -18.66
C ARG A 495 -6.74 -33.71 -19.24
N GLN A 496 -5.53 -33.73 -19.78
CA GLN A 496 -4.91 -32.52 -20.40
C GLN A 496 -5.75 -32.11 -21.61
N LEU A 497 -6.19 -33.07 -22.42
CA LEU A 497 -7.03 -32.78 -23.61
C LEU A 497 -8.33 -32.12 -23.15
N ASN A 498 -8.95 -32.67 -22.10
CA ASN A 498 -10.21 -32.12 -21.56
C ASN A 498 -9.92 -30.75 -20.92
N LEU A 499 -8.75 -30.58 -20.32
CA LEU A 499 -8.37 -29.28 -19.72
C LEU A 499 -8.31 -28.21 -20.82
N ASN A 500 -7.73 -28.56 -21.97
CA ASN A 500 -7.70 -27.61 -23.12
C ASN A 500 -9.13 -27.42 -23.66
N ASN A 501 -9.92 -28.50 -23.67
CA ASN A 501 -11.32 -28.43 -24.17
C ASN A 501 -12.14 -27.47 -23.29
N GLU A 502 -12.07 -27.64 -21.96
CA GLU A 502 -12.89 -26.86 -21.01
C GLU A 502 -12.34 -25.43 -20.92
N TRP A 503 -11.02 -25.28 -20.78
CA TRP A 503 -10.40 -23.93 -20.68
C TRP A 503 -9.78 -23.56 -22.03
N THR A 504 -10.50 -22.81 -22.86
CA THR A 504 -9.99 -22.41 -24.20
C THR A 504 -9.34 -21.03 -24.12
N LEU A 505 -8.61 -20.63 -25.16
CA LEU A 505 -7.95 -19.29 -25.19
C LEU A 505 -9.01 -18.21 -25.05
N ASP A 506 -10.13 -18.32 -25.77
CA ASP A 506 -11.20 -17.29 -25.74
C ASP A 506 -11.73 -17.14 -24.32
N LYS A 507 -12.02 -18.25 -23.64
CA LYS A 507 -12.56 -18.21 -22.26
C LYS A 507 -11.54 -17.57 -21.33
N LEU A 508 -10.24 -17.88 -21.51
CA LEU A 508 -9.18 -17.26 -20.69
C LEU A 508 -9.15 -15.75 -20.95
N ARG A 509 -9.33 -15.32 -22.20
CA ARG A 509 -9.34 -13.87 -22.55
C ARG A 509 -10.56 -13.20 -21.88
N GLN A 510 -11.70 -13.88 -21.83
CA GLN A 510 -12.89 -13.32 -21.15
C GLN A 510 -12.60 -13.18 -19.65
N ARG A 511 -11.85 -14.13 -19.08
CA ARG A 511 -11.52 -14.11 -17.63
C ARG A 511 -10.27 -13.25 -17.39
N LEU A 512 -9.53 -12.90 -18.45
CA LEU A 512 -8.26 -12.13 -18.30
C LEU A 512 -8.51 -10.88 -17.46
N THR A 513 -7.67 -10.65 -16.44
CA THR A 513 -7.83 -9.51 -15.54
C THR A 513 -6.50 -8.77 -15.41
N LYS A 514 -6.47 -7.78 -14.52
CA LYS A 514 -5.29 -6.96 -14.27
C LYS A 514 -5.01 -6.91 -12.78
N ASN A 515 -3.73 -6.82 -12.43
CA ASN A 515 -3.31 -6.84 -11.03
C ASN A 515 -3.23 -5.41 -10.48
N ALA A 516 -2.62 -5.27 -9.30
CA ALA A 516 -2.44 -3.95 -8.70
C ALA A 516 -1.46 -3.10 -9.51
N GLN A 517 -0.48 -3.72 -10.14
CA GLN A 517 0.48 -3.00 -10.97
C GLN A 517 -0.02 -2.76 -12.39
N ASP A 518 -1.33 -2.92 -12.64
CA ASP A 518 -1.94 -2.72 -13.95
C ASP A 518 -1.29 -3.61 -15.01
N LYS A 519 -0.98 -4.84 -14.64
CA LYS A 519 -0.36 -5.81 -15.53
C LYS A 519 -1.32 -6.98 -15.76
N LEU A 520 -1.25 -7.56 -16.95
CA LEU A 520 -2.17 -8.63 -17.34
C LEU A 520 -1.94 -9.88 -16.49
N GLU A 521 -2.92 -10.22 -15.66
CA GLU A 521 -2.83 -11.34 -14.73
C GLU A 521 -3.89 -12.37 -15.08
N LEU A 522 -3.65 -13.62 -14.66
CA LEU A 522 -4.62 -14.69 -14.87
C LEU A 522 -4.72 -15.54 -13.62
N HIS A 523 -5.86 -15.48 -12.94
CA HIS A 523 -6.08 -16.16 -11.67
C HIS A 523 -6.65 -17.55 -11.93
N LEU A 524 -5.80 -18.55 -11.88
CA LEU A 524 -6.21 -19.94 -12.08
C LEU A 524 -6.39 -20.58 -10.70
N PHE A 525 -7.64 -20.69 -10.27
CA PHE A 525 -7.98 -21.15 -8.93
C PHE A 525 -8.60 -22.54 -9.00
N MET A 526 -8.06 -23.47 -8.21
CA MET A 526 -8.55 -24.84 -8.13
C MET A 526 -8.56 -25.52 -9.50
N LEU A 527 -7.39 -25.56 -10.13
CA LEU A 527 -7.22 -26.26 -11.39
C LEU A 527 -6.41 -27.54 -11.16
N SER A 528 -6.68 -28.53 -12.02
CA SER A 528 -5.91 -29.76 -11.98
C SER A 528 -4.52 -29.55 -12.60
N GLY A 529 -4.43 -28.68 -13.60
CA GLY A 529 -3.16 -28.35 -14.22
C GLY A 529 -3.21 -27.01 -14.93
N ILE A 530 -2.18 -26.69 -15.70
CA ILE A 530 -2.16 -25.51 -16.55
C ILE A 530 -2.48 -25.94 -17.98
N PRO A 531 -3.58 -25.50 -18.57
CA PRO A 531 -3.86 -25.84 -19.97
C PRO A 531 -2.83 -25.22 -20.90
N ASP A 532 -2.60 -25.89 -22.04
CA ASP A 532 -1.69 -25.33 -23.03
C ASP A 532 -2.27 -24.11 -23.72
N THR A 533 -3.59 -23.90 -23.58
CA THR A 533 -4.20 -22.66 -24.07
C THR A 533 -3.68 -21.45 -23.32
N VAL A 534 -3.31 -21.61 -22.04
CA VAL A 534 -2.62 -20.54 -21.32
C VAL A 534 -1.29 -20.24 -22.00
N PHE A 535 -0.56 -21.29 -22.38
CA PHE A 535 0.81 -21.13 -22.85
C PHE A 535 0.86 -20.73 -24.32
N ASP A 536 -0.28 -20.81 -25.01
CA ASP A 536 -0.35 -20.35 -26.40
C ASP A 536 -0.27 -18.82 -26.47
N LEU A 537 -0.49 -18.14 -25.35
CA LEU A 537 -0.42 -16.69 -25.32
C LEU A 537 1.01 -16.20 -25.53
N VAL A 538 1.13 -14.95 -25.99
CA VAL A 538 2.44 -14.32 -26.17
C VAL A 538 2.55 -12.99 -25.43
N GLU A 539 1.43 -12.41 -24.99
CA GLU A 539 1.44 -11.10 -24.36
C GLU A 539 1.29 -11.15 -22.84
N LEU A 540 1.20 -12.35 -22.26
CA LEU A 540 0.98 -12.47 -20.83
C LEU A 540 2.21 -12.03 -20.06
N GLU A 541 2.00 -11.29 -18.96
CA GLU A 541 3.08 -10.84 -18.10
C GLU A 541 3.01 -11.39 -16.68
N VAL A 542 1.82 -11.71 -16.16
CA VAL A 542 1.65 -12.16 -14.78
C VAL A 542 0.96 -13.51 -14.82
N LEU A 543 1.72 -14.59 -14.70
CA LEU A 543 1.20 -15.95 -14.69
C LEU A 543 0.94 -16.32 -13.22
N LYS A 544 -0.33 -16.40 -12.84
CA LYS A 544 -0.69 -16.67 -11.45
C LYS A 544 -1.19 -18.12 -11.36
N LEU A 545 -0.59 -18.87 -10.45
CA LEU A 545 -0.88 -20.29 -10.29
C LEU A 545 -1.32 -20.53 -8.85
N GLU A 546 -2.61 -20.85 -8.66
CA GLU A 546 -3.21 -20.95 -7.34
C GLU A 546 -3.79 -22.35 -7.13
N LEU A 547 -3.19 -23.10 -6.20
CA LEU A 547 -3.72 -24.39 -5.76
C LEU A 547 -3.89 -25.38 -6.90
N ILE A 548 -2.77 -25.75 -7.51
CA ILE A 548 -2.73 -26.75 -8.57
C ILE A 548 -1.82 -27.88 -8.11
N PRO A 549 -2.32 -29.12 -8.01
CA PRO A 549 -1.53 -30.17 -7.36
C PRO A 549 -0.41 -30.73 -8.23
N ASP A 550 0.83 -30.38 -7.88
CA ASP A 550 2.05 -30.92 -8.47
C ASP A 550 2.08 -30.79 -9.99
N VAL A 551 1.88 -29.58 -10.50
CA VAL A 551 1.83 -29.40 -11.95
C VAL A 551 3.24 -29.44 -12.53
N THR A 552 3.32 -29.79 -13.82
CA THR A 552 4.57 -29.81 -14.56
C THR A 552 4.46 -28.79 -15.68
N ILE A 553 5.35 -27.81 -15.67
CA ILE A 553 5.29 -26.70 -16.64
C ILE A 553 5.96 -27.12 -17.94
N PRO A 554 5.24 -27.15 -19.06
CA PRO A 554 5.86 -27.47 -20.35
C PRO A 554 6.65 -26.29 -20.88
N PRO A 555 7.57 -26.52 -21.82
CA PRO A 555 8.45 -25.45 -22.31
C PRO A 555 7.73 -24.30 -23.02
N SER A 556 6.49 -24.48 -23.50
CA SER A 556 5.80 -23.48 -24.30
C SER A 556 5.57 -22.16 -23.55
N ILE A 557 5.87 -22.10 -22.25
CA ILE A 557 5.90 -20.84 -21.52
C ILE A 557 6.85 -19.84 -22.17
N ALA A 558 7.85 -20.33 -22.90
CA ALA A 558 8.77 -19.44 -23.60
C ALA A 558 8.06 -18.61 -24.67
N GLN A 559 6.86 -19.03 -25.09
CA GLN A 559 6.11 -18.24 -26.05
C GLN A 559 5.49 -17.00 -25.42
N LEU A 560 5.28 -17.01 -24.09
CA LEU A 560 4.62 -15.90 -23.41
C LEU A 560 5.58 -14.72 -23.28
N THR A 561 5.84 -14.03 -24.40
CA THR A 561 7.07 -13.24 -24.54
C THR A 561 7.21 -12.15 -23.48
N GLY A 562 6.10 -11.59 -23.00
CA GLY A 562 6.17 -10.50 -22.06
C GLY A 562 6.13 -10.91 -20.60
N LEU A 563 6.41 -12.17 -20.29
CA LEU A 563 6.17 -12.70 -18.95
C LEU A 563 7.18 -12.14 -17.96
N LYS A 564 6.67 -11.46 -16.91
CA LYS A 564 7.51 -10.83 -15.92
C LYS A 564 7.19 -11.26 -14.49
N GLU A 565 5.93 -11.37 -14.11
CA GLU A 565 5.51 -11.78 -12.78
C GLU A 565 5.16 -13.26 -12.80
N LEU A 566 5.11 -13.88 -11.63
CA LEU A 566 4.67 -15.27 -11.51
C LEU A 566 4.23 -15.52 -10.07
N TRP A 567 2.98 -15.94 -9.90
CA TRP A 567 2.33 -16.07 -8.60
C TRP A 567 2.18 -17.56 -8.30
N LEU A 568 2.90 -18.05 -7.28
CA LEU A 568 2.71 -19.44 -6.81
C LEU A 568 2.07 -19.41 -5.42
N TYR A 569 0.79 -19.75 -5.38
CA TYR A 569 0.02 -19.85 -4.12
C TYR A 569 -0.44 -21.28 -3.93
N HIS A 570 0.17 -21.95 -2.94
CA HIS A 570 -0.12 -23.34 -2.57
C HIS A 570 0.01 -24.28 -3.77
N THR A 571 1.05 -24.05 -4.56
CA THR A 571 1.24 -24.75 -5.84
C THR A 571 2.65 -25.32 -5.90
N ALA A 572 2.76 -26.64 -5.90
CA ALA A 572 4.04 -27.28 -6.15
C ALA A 572 4.35 -27.25 -7.63
N ALA A 573 5.38 -26.49 -8.02
CA ALA A 573 5.69 -26.22 -9.40
C ALA A 573 6.88 -27.07 -9.84
N LYS A 574 6.75 -27.73 -10.99
CA LYS A 574 7.82 -28.51 -11.60
C LYS A 574 8.08 -27.91 -12.99
N ILE A 575 9.33 -27.52 -13.24
CA ILE A 575 9.69 -26.79 -14.43
C ILE A 575 10.92 -27.42 -15.08
N GLU A 576 11.13 -27.10 -16.35
CA GLU A 576 12.23 -27.65 -17.14
C GLU A 576 13.16 -26.53 -17.60
N ALA A 577 14.13 -26.91 -18.45
CA ALA A 577 15.28 -26.06 -18.76
C ALA A 577 15.01 -24.95 -19.78
N PRO A 578 14.30 -25.18 -20.91
CA PRO A 578 13.95 -24.03 -21.75
C PRO A 578 13.07 -23.01 -21.04
N ALA A 579 12.16 -23.49 -20.19
CA ALA A 579 11.40 -22.59 -19.34
C ALA A 579 12.32 -21.78 -18.44
N LEU A 580 13.32 -22.43 -17.85
CA LEU A 580 14.29 -21.74 -17.02
C LEU A 580 15.09 -20.73 -17.84
N ALA A 581 15.33 -21.02 -19.11
CA ALA A 581 16.06 -20.08 -19.97
C ALA A 581 15.25 -18.82 -20.22
N PHE A 582 13.98 -19.00 -20.60
CA PHE A 582 13.17 -17.82 -20.89
C PHE A 582 12.89 -17.04 -19.61
N LEU A 583 12.83 -17.72 -18.47
CA LEU A 583 12.64 -17.00 -17.21
C LEU A 583 13.94 -16.37 -16.72
N ARG A 584 15.09 -16.90 -17.16
CA ARG A 584 16.37 -16.28 -16.82
C ARG A 584 16.64 -15.07 -17.68
N GLU A 585 15.99 -14.97 -18.84
CA GLU A 585 16.18 -13.79 -19.69
C GLU A 585 15.01 -12.80 -19.65
N ASN A 586 13.83 -13.21 -19.19
CA ASN A 586 12.66 -12.34 -19.22
C ASN A 586 12.09 -12.07 -17.84
N LEU A 587 11.90 -13.13 -17.04
CA LEU A 587 11.19 -13.02 -15.77
C LEU A 587 11.97 -12.19 -14.76
N ARG A 588 11.32 -11.13 -14.27
CA ARG A 588 11.90 -10.29 -13.23
C ARG A 588 11.03 -10.21 -11.98
N ALA A 589 10.09 -11.13 -11.79
CA ALA A 589 9.28 -11.15 -10.59
C ALA A 589 8.81 -12.57 -10.30
N LEU A 590 8.60 -12.88 -9.02
CA LEU A 590 8.29 -14.24 -8.58
C LEU A 590 7.62 -14.14 -7.21
N HIS A 591 6.33 -14.49 -7.16
CA HIS A 591 5.52 -14.33 -5.96
C HIS A 591 5.13 -15.71 -5.45
N ILE A 592 5.77 -16.17 -4.37
CA ILE A 592 5.62 -17.55 -3.94
C ILE A 592 4.87 -17.52 -2.61
N LYS A 593 3.71 -18.18 -2.57
CA LYS A 593 2.94 -18.36 -1.35
C LYS A 593 2.86 -19.85 -1.05
N PHE A 594 3.11 -20.22 0.21
CA PHE A 594 3.22 -21.62 0.59
C PHE A 594 2.82 -21.82 2.04
N THR A 595 2.51 -23.06 2.38
CA THR A 595 2.35 -23.50 3.76
C THR A 595 3.27 -24.65 4.11
N ASP A 596 4.13 -25.07 3.19
CA ASP A 596 5.03 -26.19 3.40
C ASP A 596 6.34 -25.95 2.67
N ILE A 597 7.39 -26.62 3.13
CA ILE A 597 8.71 -26.49 2.50
C ILE A 597 8.70 -27.11 1.11
N LYS A 598 8.06 -28.27 0.95
CA LYS A 598 8.09 -28.98 -0.32
C LYS A 598 7.25 -28.26 -1.38
N GLU A 599 6.33 -27.39 -0.97
CA GLU A 599 5.59 -26.59 -1.94
C GLU A 599 6.51 -25.62 -2.66
N ILE A 600 7.60 -25.21 -2.01
CA ILE A 600 8.57 -24.29 -2.60
C ILE A 600 9.52 -25.09 -3.48
N PRO A 601 9.56 -24.82 -4.79
CA PRO A 601 10.42 -25.60 -5.68
C PRO A 601 11.87 -25.15 -5.61
N LEU A 602 12.76 -26.05 -6.04
CA LEU A 602 14.19 -25.79 -6.03
C LEU A 602 14.70 -25.10 -7.29
N TRP A 603 13.86 -24.97 -8.32
CA TRP A 603 14.28 -24.28 -9.54
C TRP A 603 14.29 -22.78 -9.39
N ILE A 604 13.47 -22.22 -8.48
CA ILE A 604 13.22 -20.79 -8.46
C ILE A 604 14.46 -19.99 -8.06
N TYR A 605 15.54 -20.66 -7.67
CA TYR A 605 16.78 -19.99 -7.30
C TYR A 605 17.76 -19.88 -8.45
N SER A 606 17.38 -20.32 -9.65
CA SER A 606 18.26 -20.27 -10.81
C SER A 606 17.86 -19.22 -11.83
N LEU A 607 17.25 -18.11 -11.42
CA LEU A 607 16.82 -17.08 -12.34
C LEU A 607 17.89 -16.01 -12.47
N LYS A 608 18.09 -15.51 -13.70
CA LYS A 608 19.17 -14.55 -13.93
C LYS A 608 18.64 -13.13 -14.12
N THR A 609 17.32 -12.93 -14.06
CA THR A 609 16.74 -11.59 -14.12
C THR A 609 15.78 -11.29 -12.97
N LEU A 610 15.76 -12.12 -11.93
CA LEU A 610 14.79 -11.95 -10.86
C LEU A 610 15.01 -10.65 -10.11
N GLU A 611 13.94 -9.87 -9.97
CA GLU A 611 13.99 -8.55 -9.35
C GLU A 611 12.99 -8.35 -8.23
N GLU A 612 11.78 -8.89 -8.35
CA GLU A 612 10.74 -8.69 -7.33
C GLU A 612 10.31 -10.07 -6.83
N LEU A 613 10.11 -10.18 -5.52
CA LEU A 613 10.07 -11.48 -4.86
C LEU A 613 9.37 -11.38 -3.52
N HIS A 614 8.18 -11.96 -3.41
CA HIS A 614 7.45 -12.07 -2.13
C HIS A 614 7.37 -13.54 -1.76
N LEU A 615 7.98 -13.90 -0.64
CA LEU A 615 7.85 -15.24 -0.06
C LEU A 615 6.82 -15.19 1.05
N THR A 616 5.71 -15.91 0.88
CA THR A 616 4.64 -15.93 1.87
C THR A 616 4.53 -17.33 2.45
N GLY A 617 4.66 -17.44 3.77
CA GLY A 617 4.69 -18.72 4.45
C GLY A 617 5.97 -18.91 5.22
N ASN A 618 5.97 -19.79 6.22
CA ASN A 618 7.10 -19.93 7.13
C ASN A 618 8.35 -20.42 6.41
N LEU A 619 9.43 -19.66 6.54
CA LEU A 619 10.72 -20.00 5.96
C LEU A 619 11.74 -20.48 7.00
N SER A 620 11.33 -20.67 8.25
CA SER A 620 12.23 -21.12 9.30
C SER A 620 11.89 -22.56 9.66
N ALA A 621 12.84 -23.48 9.45
CA ALA A 621 12.62 -24.89 9.71
C ALA A 621 13.96 -25.56 9.96
N GLU A 622 13.89 -26.86 10.28
CA GLU A 622 15.09 -27.65 10.53
C GLU A 622 15.88 -27.82 9.25
N ASN A 623 17.15 -27.41 9.28
CA ASN A 623 18.06 -27.39 8.12
C ASN A 623 17.49 -26.59 6.95
N ASN A 624 16.50 -25.75 7.22
CA ASN A 624 15.78 -25.06 6.17
C ASN A 624 15.44 -23.62 6.55
N ARG A 625 15.89 -23.15 7.71
CA ARG A 625 15.69 -21.77 8.12
C ARG A 625 16.55 -20.86 7.24
N TYR A 626 15.92 -20.21 6.26
CA TYR A 626 16.59 -19.46 5.18
C TYR A 626 17.46 -20.37 4.33
N ILE A 627 17.35 -21.69 4.53
CA ILE A 627 18.04 -22.67 3.72
C ILE A 627 17.08 -23.38 2.77
N VAL A 628 15.79 -23.08 2.89
CA VAL A 628 14.89 -23.32 1.76
C VAL A 628 15.38 -22.52 0.57
N ILE A 629 15.73 -21.26 0.81
CA ILE A 629 15.87 -20.23 -0.20
C ILE A 629 17.31 -19.76 -0.31
N ASP A 630 18.26 -20.64 0.03
CA ASP A 630 19.67 -20.28 0.09
C ASP A 630 20.21 -19.77 -1.24
N GLY A 631 19.54 -20.09 -2.35
CA GLY A 631 19.89 -19.54 -3.64
C GLY A 631 19.50 -18.10 -3.86
N LEU A 632 19.19 -17.35 -2.81
CA LEU A 632 18.93 -15.93 -2.99
C LEU A 632 20.22 -15.13 -3.09
N ARG A 633 21.37 -15.78 -2.90
CA ARG A 633 22.63 -15.17 -3.28
C ARG A 633 22.77 -15.13 -4.81
N GLU A 634 22.26 -16.16 -5.49
CA GLU A 634 22.40 -16.25 -6.94
C GLU A 634 21.58 -15.16 -7.62
N LEU A 635 20.54 -14.66 -6.95
CA LEU A 635 19.70 -13.61 -7.51
C LEU A 635 20.28 -12.25 -7.14
N LYS A 636 20.97 -11.62 -8.11
CA LYS A 636 21.72 -10.40 -7.86
C LYS A 636 21.01 -9.14 -8.32
N ARG A 637 19.73 -9.21 -8.67
CA ARG A 637 18.98 -8.04 -9.11
C ARG A 637 17.68 -7.84 -8.34
N LEU A 638 17.52 -8.47 -7.18
CA LEU A 638 16.32 -8.28 -6.38
C LEU A 638 16.20 -6.82 -5.93
N LYS A 639 14.97 -6.30 -5.97
CA LYS A 639 14.71 -4.95 -5.48
C LYS A 639 13.54 -4.86 -4.51
N VAL A 640 12.64 -5.85 -4.49
CA VAL A 640 11.52 -5.88 -3.56
C VAL A 640 11.49 -7.25 -2.90
N LEU A 641 11.37 -7.27 -1.55
CA LEU A 641 11.36 -8.50 -0.77
C LEU A 641 10.28 -8.41 0.32
N ARG A 642 9.11 -8.98 0.04
CA ARG A 642 8.05 -9.05 1.03
C ARG A 642 8.01 -10.45 1.64
N LEU A 643 8.08 -10.53 2.96
CA LEU A 643 8.23 -11.81 3.66
C LEU A 643 7.13 -11.95 4.71
N LYS A 644 6.04 -12.63 4.34
CA LYS A 644 5.01 -13.03 5.29
C LYS A 644 5.29 -14.47 5.72
N SER A 645 6.13 -14.58 6.76
CA SER A 645 6.78 -15.85 7.05
C SER A 645 6.79 -16.20 8.54
N ASN A 646 6.19 -15.37 9.39
CA ASN A 646 6.25 -15.53 10.85
C ASN A 646 7.71 -15.63 11.31
N LEU A 647 8.48 -14.58 11.02
CA LEU A 647 9.93 -14.66 11.08
C LEU A 647 10.46 -14.14 12.40
N SER A 648 11.58 -14.69 12.85
CA SER A 648 12.21 -14.31 14.10
C SER A 648 13.61 -13.73 13.94
N LYS A 649 14.21 -13.84 12.75
CA LYS A 649 15.55 -13.34 12.51
C LYS A 649 15.68 -13.01 11.02
N LEU A 650 16.61 -12.11 10.70
CA LEU A 650 16.85 -11.73 9.32
C LEU A 650 18.17 -12.30 8.84
N PRO A 651 18.22 -12.91 7.65
CA PRO A 651 19.51 -13.41 7.14
C PRO A 651 20.42 -12.27 6.71
N GLN A 652 21.72 -12.48 6.86
CA GLN A 652 22.71 -11.50 6.40
C GLN A 652 22.76 -11.44 4.88
N VAL A 653 22.39 -12.53 4.20
CA VAL A 653 22.47 -12.56 2.75
C VAL A 653 21.49 -11.57 2.13
N VAL A 654 20.33 -11.38 2.76
CA VAL A 654 19.43 -10.32 2.32
C VAL A 654 20.10 -8.96 2.44
N THR A 655 20.86 -8.76 3.52
CA THR A 655 21.59 -7.51 3.70
C THR A 655 22.65 -7.33 2.63
N ASP A 656 23.26 -8.43 2.18
CA ASP A 656 24.21 -8.38 1.07
C ASP A 656 23.51 -8.04 -0.24
N VAL A 657 22.36 -8.66 -0.50
CA VAL A 657 21.59 -8.40 -1.71
C VAL A 657 21.13 -6.95 -1.75
N GLY A 658 20.89 -6.35 -0.56
CA GLY A 658 20.32 -5.01 -0.46
C GLY A 658 21.14 -3.90 -1.09
N VAL A 659 22.29 -4.22 -1.70
CA VAL A 659 23.01 -3.23 -2.51
C VAL A 659 22.13 -2.78 -3.67
N HIS A 660 21.31 -3.68 -4.20
CA HIS A 660 20.33 -3.36 -5.23
C HIS A 660 18.89 -3.46 -4.76
N LEU A 661 18.63 -4.02 -3.57
CA LEU A 661 17.27 -4.18 -3.10
C LEU A 661 16.77 -2.89 -2.45
N GLN A 662 15.50 -2.54 -2.71
CA GLN A 662 14.98 -1.23 -2.35
C GLN A 662 13.71 -1.27 -1.50
N LYS A 663 13.20 -2.47 -1.20
CA LYS A 663 11.97 -2.57 -0.40
C LYS A 663 11.94 -3.92 0.32
N LEU A 664 11.80 -3.87 1.64
CA LEU A 664 11.73 -5.08 2.47
C LEU A 664 10.59 -4.91 3.46
N SER A 665 9.51 -5.66 3.26
CA SER A 665 8.34 -5.62 4.14
C SER A 665 8.12 -7.02 4.72
N ILE A 666 8.35 -7.16 6.02
CA ILE A 666 8.29 -8.46 6.69
C ILE A 666 7.02 -8.51 7.53
N ASN A 667 6.16 -9.49 7.22
CA ASN A 667 4.95 -9.75 8.00
C ASN A 667 5.19 -11.02 8.81
N ASN A 668 4.94 -10.94 10.12
CA ASN A 668 5.30 -12.03 11.02
C ASN A 668 4.17 -12.45 11.95
N GLU A 669 3.00 -11.83 11.85
CA GLU A 669 1.83 -12.17 12.65
C GLU A 669 2.11 -12.10 14.15
N GLY A 670 2.92 -11.10 14.53
CA GLY A 670 3.21 -10.88 15.93
C GLY A 670 4.44 -11.59 16.46
N THR A 671 5.54 -11.55 15.72
CA THR A 671 6.80 -12.14 16.17
C THR A 671 7.90 -11.08 16.03
N LYS A 672 8.67 -10.89 17.10
CA LYS A 672 9.72 -9.88 17.13
C LYS A 672 11.00 -10.44 16.55
N LEU A 673 11.59 -9.73 15.58
CA LEU A 673 12.88 -10.14 15.04
C LEU A 673 14.01 -9.57 15.89
N ILE A 674 15.17 -10.20 15.80
CA ILE A 674 16.38 -9.68 16.44
C ILE A 674 17.17 -8.90 15.41
N VAL A 675 17.00 -7.57 15.40
CA VAL A 675 17.67 -6.74 14.40
C VAL A 675 19.17 -6.68 14.68
N LEU A 676 19.54 -6.21 15.87
CA LEU A 676 20.93 -6.15 16.34
C LEU A 676 21.82 -5.33 15.40
N ASN A 677 21.23 -4.31 14.76
CA ASN A 677 21.93 -3.39 13.87
C ASN A 677 22.67 -4.13 12.75
N SER A 678 22.00 -5.15 12.20
CA SER A 678 22.53 -5.89 11.07
C SER A 678 21.89 -5.49 9.75
N LEU A 679 21.20 -4.35 9.71
CA LEU A 679 20.45 -3.88 8.55
C LEU A 679 21.12 -2.68 7.89
N LYS A 680 22.35 -2.32 8.29
CA LYS A 680 22.93 -1.07 7.84
C LYS A 680 23.51 -1.16 6.44
N LYS A 681 23.49 -2.36 5.83
CA LYS A 681 23.87 -2.47 4.43
C LYS A 681 22.74 -2.11 3.49
N MET A 682 21.61 -1.64 4.04
CA MET A 682 20.50 -1.13 3.24
C MET A 682 20.83 0.27 2.75
N VAL A 683 21.85 0.37 1.90
CA VAL A 683 22.11 1.69 1.30
C VAL A 683 21.03 2.02 0.29
N ASN A 684 20.60 1.05 -0.51
CA ASN A 684 19.62 1.31 -1.55
C ASN A 684 18.18 1.14 -1.08
N LEU A 685 17.96 0.72 0.16
CA LEU A 685 16.59 0.57 0.66
C LEU A 685 15.92 1.93 0.78
N THR A 686 14.71 2.04 0.24
CA THR A 686 13.94 3.27 0.30
C THR A 686 12.64 3.14 1.09
N GLU A 687 12.09 1.94 1.23
CA GLU A 687 10.80 1.73 1.90
C GLU A 687 10.95 0.57 2.88
N LEU A 688 11.29 0.89 4.13
CA LEU A 688 11.33 -0.10 5.21
C LEU A 688 9.96 -0.10 5.87
N GLU A 689 9.21 -1.18 5.67
CA GLU A 689 7.83 -1.28 6.13
C GLU A 689 7.72 -2.46 7.09
N LEU A 690 7.74 -2.18 8.38
CA LEU A 690 7.62 -3.20 9.41
C LEU A 690 6.13 -3.33 9.78
N ILE A 691 5.47 -4.27 9.13
CA ILE A 691 4.04 -4.47 9.33
C ILE A 691 3.82 -5.47 10.46
N ARG A 692 3.08 -5.04 11.49
CA ARG A 692 2.74 -5.86 12.65
C ARG A 692 3.99 -6.42 13.33
N CYS A 693 5.02 -5.58 13.41
CA CYS A 693 6.28 -5.98 14.02
C CYS A 693 6.22 -6.02 15.54
N ASP A 694 5.35 -5.22 16.15
CA ASP A 694 5.21 -5.11 17.61
C ASP A 694 6.54 -4.77 18.26
N LEU A 695 7.26 -3.84 17.65
CA LEU A 695 8.59 -3.46 18.15
C LEU A 695 8.50 -2.68 19.45
N GLU A 696 7.61 -1.69 19.51
CA GLU A 696 7.46 -0.70 20.58
C GLU A 696 8.68 0.19 20.75
N ARG A 697 9.72 0.04 19.93
CA ARG A 697 10.92 0.86 19.98
C ARG A 697 11.47 0.99 18.57
N ILE A 698 12.29 2.01 18.36
CA ILE A 698 12.90 2.27 17.06
C ILE A 698 14.41 2.06 17.21
N PRO A 699 14.98 1.03 16.57
CA PRO A 699 16.44 0.86 16.61
C PRO A 699 17.14 1.89 15.74
N HIS A 700 18.44 2.05 15.99
CA HIS A 700 19.21 3.08 15.31
C HIS A 700 19.40 2.78 13.83
N SER A 701 19.26 1.51 13.44
CA SER A 701 19.39 1.16 12.04
C SER A 701 18.26 1.75 11.20
N ILE A 702 17.11 2.04 11.81
CA ILE A 702 16.01 2.65 11.08
C ILE A 702 16.37 4.08 10.68
N PHE A 703 16.88 4.87 11.63
CA PHE A 703 17.31 6.22 11.31
C PHE A 703 18.81 6.34 11.08
N SER A 704 19.45 5.27 10.58
CA SER A 704 20.81 5.36 10.06
C SER A 704 20.84 5.25 8.54
N LEU A 705 19.75 4.76 7.95
CA LEU A 705 19.72 4.42 6.52
C LEU A 705 19.22 5.62 5.73
N HIS A 706 20.12 6.28 5.01
CA HIS A 706 19.84 7.62 4.48
C HIS A 706 18.82 7.64 3.34
N ASN A 707 18.52 6.50 2.71
CA ASN A 707 17.61 6.51 1.58
C ASN A 707 16.17 6.18 1.94
N LEU A 708 15.86 5.99 3.22
CA LEU A 708 14.50 5.61 3.63
C LEU A 708 13.56 6.80 3.45
N GLN A 709 12.46 6.58 2.73
CA GLN A 709 11.47 7.62 2.51
C GLN A 709 10.10 7.26 3.06
N GLU A 710 9.79 5.97 3.16
CA GLU A 710 8.50 5.50 3.65
C GLU A 710 8.73 4.79 4.98
N ILE A 711 8.11 5.29 6.04
CA ILE A 711 8.27 4.73 7.38
C ILE A 711 6.89 4.64 8.02
N ASP A 712 6.36 3.43 8.14
CA ASP A 712 5.10 3.17 8.84
C ASP A 712 5.35 2.04 9.85
N LEU A 713 5.31 2.39 11.13
CA LEU A 713 5.49 1.43 12.21
C LEU A 713 4.15 0.85 12.65
N LYS A 714 3.44 0.28 11.67
CA LYS A 714 2.04 -0.09 11.87
C LYS A 714 1.90 -1.24 12.86
N ASP A 715 0.96 -1.07 13.81
CA ASP A 715 0.60 -2.09 14.79
C ASP A 715 1.80 -2.51 15.64
N ASN A 716 2.74 -1.59 15.83
CA ASN A 716 3.91 -1.84 16.65
C ASN A 716 3.72 -1.35 18.09
N ASN A 717 2.55 -0.79 18.41
CA ASN A 717 2.19 -0.41 19.78
C ASN A 717 3.16 0.60 20.37
N LEU A 718 3.54 1.61 19.59
CA LEU A 718 4.33 2.71 20.10
C LEU A 718 3.49 3.54 21.07
N LYS A 719 3.79 3.46 22.36
CA LYS A 719 3.20 4.38 23.31
C LYS A 719 3.78 5.78 23.12
N THR A 720 5.06 5.87 22.79
CA THR A 720 5.75 7.12 22.56
C THR A 720 6.61 7.00 21.32
N ILE A 721 6.67 8.05 20.52
CA ILE A 721 7.59 8.13 19.37
C ILE A 721 8.56 9.26 19.70
N GLU A 722 9.85 8.91 19.79
CA GLU A 722 10.86 9.83 20.29
C GLU A 722 12.12 9.87 19.44
N GLU A 723 12.16 9.14 18.34
CA GLU A 723 13.38 8.99 17.53
C GLU A 723 13.32 9.75 16.22
N ILE A 724 12.52 10.81 16.13
CA ILE A 724 12.42 11.57 14.89
C ILE A 724 13.53 12.62 14.79
N ILE A 725 14.17 12.94 15.92
CA ILE A 725 15.17 14.01 15.92
C ILE A 725 16.42 13.59 15.15
N SER A 726 16.79 12.32 15.25
CA SER A 726 17.99 11.81 14.58
C SER A 726 17.76 11.51 13.10
N PHE A 727 16.57 11.82 12.58
CA PHE A 727 16.25 11.57 11.18
C PHE A 727 16.75 12.67 10.25
N GLN A 728 17.35 13.74 10.78
CA GLN A 728 17.72 14.86 9.92
C GLN A 728 19.01 14.61 9.15
N HIS A 729 19.81 13.62 9.59
CA HIS A 729 20.92 13.16 8.75
C HIS A 729 20.40 12.46 7.51
N LEU A 730 19.20 11.89 7.59
CA LEU A 730 18.56 11.21 6.47
C LEU A 730 17.80 12.27 5.67
N HIS A 731 18.32 12.61 4.49
CA HIS A 731 17.80 13.76 3.76
C HIS A 731 16.55 13.40 2.96
N ARG A 732 16.23 12.11 2.86
CA ARG A 732 15.26 11.69 1.85
C ARG A 732 13.89 11.36 2.45
N LEU A 733 13.72 11.48 3.76
CA LEU A 733 12.42 11.14 4.35
C LEU A 733 11.39 12.17 3.93
N THR A 734 10.26 11.70 3.39
CA THR A 734 9.25 12.58 2.81
C THR A 734 7.83 12.19 3.21
N CYS A 735 7.66 11.05 3.89
CA CYS A 735 6.32 10.54 4.17
C CYS A 735 6.29 9.69 5.43
N LEU A 736 5.76 10.25 6.52
CA LEU A 736 5.68 9.54 7.80
C LEU A 736 4.24 9.10 8.05
N LYS A 737 3.90 7.95 7.48
CA LYS A 737 2.55 7.38 7.62
C LYS A 737 2.46 6.59 8.91
N LEU A 738 2.48 7.29 10.04
CA LEU A 738 2.41 6.65 11.35
C LEU A 738 0.94 6.35 11.66
N TRP A 739 0.50 5.18 11.21
CA TRP A 739 -0.90 4.80 11.39
C TRP A 739 -1.03 3.49 12.18
N TYR A 740 -2.25 3.28 12.70
CA TYR A 740 -2.63 2.04 13.38
C TYR A 740 -1.73 1.73 14.57
N ASN A 741 -1.60 2.70 15.46
CA ASN A 741 -0.68 2.59 16.59
C ASN A 741 -1.30 3.13 17.86
N HIS A 742 -0.66 2.79 18.99
CA HIS A 742 -1.08 3.19 20.32
C HIS A 742 -0.51 4.55 20.73
N ILE A 743 -0.14 5.39 19.78
CA ILE A 743 0.51 6.67 20.06
C ILE A 743 -0.45 7.58 20.82
N ALA A 744 -0.13 7.83 22.10
CA ALA A 744 -0.98 8.64 22.97
C ALA A 744 -0.86 10.13 22.71
N TYR A 745 0.32 10.63 22.35
CA TYR A 745 0.51 12.06 22.17
C TYR A 745 1.66 12.31 21.21
N ILE A 746 1.59 13.45 20.53
CA ILE A 746 2.67 13.92 19.66
C ILE A 746 3.41 15.03 20.38
N PRO A 747 4.72 14.92 20.60
CA PRO A 747 5.46 16.04 21.16
C PRO A 747 5.46 17.23 20.20
N ILE A 748 5.57 18.43 20.78
CA ILE A 748 5.55 19.66 19.99
C ILE A 748 6.76 19.79 19.07
N GLN A 749 7.82 19.03 19.31
CA GLN A 749 9.00 19.02 18.44
C GLN A 749 8.68 18.51 17.04
N ILE A 750 7.53 17.87 16.85
CA ILE A 750 7.06 17.51 15.51
C ILE A 750 6.88 18.74 14.63
N GLY A 751 6.83 19.93 15.24
CA GLY A 751 6.76 21.14 14.46
C GLY A 751 8.05 21.50 13.76
N ASN A 752 9.15 20.80 14.11
CA ASN A 752 10.44 21.12 13.50
C ASN A 752 10.48 20.67 12.03
N LEU A 753 9.71 19.63 11.68
CA LEU A 753 9.70 19.09 10.33
C LEU A 753 8.99 20.06 9.40
N THR A 754 9.42 20.07 8.13
CA THR A 754 8.75 20.88 7.11
C THR A 754 8.54 20.09 5.81
N ASN A 755 9.29 19.00 5.62
CA ASN A 755 9.46 18.46 4.27
C ASN A 755 8.49 17.32 3.95
N LEU A 756 7.68 16.89 4.92
CA LEU A 756 6.76 15.78 4.68
C LEU A 756 5.66 16.20 3.72
N GLU A 757 5.12 15.24 2.97
CA GLU A 757 3.93 15.48 2.15
C GLU A 757 2.74 14.66 2.61
N ARG A 758 2.85 13.32 2.64
CA ARG A 758 1.73 12.46 2.98
C ARG A 758 1.82 12.06 4.45
N LEU A 759 1.58 13.04 5.32
CA LEU A 759 1.61 12.84 6.76
C LEU A 759 0.31 12.14 7.15
N TYR A 760 0.36 10.82 7.29
CA TYR A 760 -0.81 10.02 7.63
C TYR A 760 -0.66 9.56 9.08
N LEU A 761 -1.34 10.23 9.99
CA LEU A 761 -1.31 9.91 11.42
C LEU A 761 -2.65 9.35 11.87
N ASN A 762 -3.26 8.50 11.05
CA ASN A 762 -4.60 8.00 11.34
C ASN A 762 -4.53 6.83 12.30
N ARG A 763 -5.70 6.44 12.83
CA ARG A 763 -5.87 5.24 13.65
C ARG A 763 -4.95 5.29 14.88
N ASN A 764 -4.96 6.42 15.57
CA ASN A 764 -4.12 6.65 16.75
C ASN A 764 -4.99 7.16 17.90
N LYS A 765 -4.33 7.58 18.97
CA LYS A 765 -5.00 8.13 20.15
C LYS A 765 -4.56 9.55 20.45
N ILE A 766 -4.48 10.39 19.41
CA ILE A 766 -4.01 11.76 19.58
C ILE A 766 -5.13 12.58 20.21
N GLU A 767 -4.79 13.29 21.30
CA GLU A 767 -5.79 14.06 22.02
C GLU A 767 -6.22 15.30 21.25
N LYS A 768 -5.30 15.93 20.53
CA LYS A 768 -5.60 17.12 19.75
C LYS A 768 -4.46 17.35 18.77
N ILE A 769 -4.80 17.87 17.59
CA ILE A 769 -3.77 18.21 16.61
C ILE A 769 -3.20 19.57 17.04
N PRO A 770 -1.88 19.73 17.02
CA PRO A 770 -1.30 21.02 17.40
C PRO A 770 -1.03 21.94 16.22
N THR A 771 -0.82 23.22 16.54
CA THR A 771 -0.45 24.18 15.50
C THR A 771 0.97 23.91 15.00
N GLN A 772 1.82 23.34 15.85
CA GLN A 772 3.18 23.00 15.45
C GLN A 772 3.21 22.06 14.24
N LEU A 773 2.26 21.10 14.20
CA LEU A 773 2.20 20.16 13.09
C LEU A 773 1.94 20.87 11.76
N PHE A 774 1.39 22.08 11.81
CA PHE A 774 1.13 22.81 10.58
C PHE A 774 2.28 23.71 10.18
N TYR A 775 3.42 23.62 10.86
CA TYR A 775 4.64 24.25 10.35
C TYR A 775 5.17 23.51 9.13
N CYS A 776 4.77 22.25 8.95
CA CYS A 776 5.09 21.47 7.76
C CYS A 776 4.37 22.11 6.58
N ARG A 777 5.16 22.74 5.69
CA ARG A 777 4.57 23.46 4.57
C ARG A 777 4.37 22.57 3.35
N LYS A 778 5.14 21.49 3.22
CA LYS A 778 5.09 20.67 2.02
C LYS A 778 4.02 19.58 2.07
N LEU A 779 3.16 19.59 3.10
CA LEU A 779 2.13 18.56 3.21
C LEU A 779 1.16 18.62 2.05
N ARG A 780 1.04 17.50 1.33
CA ARG A 780 0.07 17.36 0.26
C ARG A 780 -1.08 16.42 0.61
N TYR A 781 -0.93 15.62 1.66
CA TYR A 781 -1.93 14.63 2.05
C TYR A 781 -1.86 14.44 3.56
N LEU A 782 -3.02 14.52 4.23
CA LEU A 782 -3.10 14.47 5.70
C LEU A 782 -4.26 13.56 6.11
N ASP A 783 -3.94 12.41 6.69
CA ASP A 783 -4.96 11.48 7.18
C ASP A 783 -4.85 11.38 8.69
N LEU A 784 -5.88 11.83 9.40
CA LEU A 784 -5.98 11.76 10.85
C LEU A 784 -7.21 10.99 11.30
N SER A 785 -7.51 9.89 10.62
CA SER A 785 -8.72 9.12 10.89
C SER A 785 -8.61 8.36 12.22
N HIS A 786 -9.75 8.27 12.91
CA HIS A 786 -9.90 7.53 14.16
C HIS A 786 -8.89 8.06 15.20
N ASN A 787 -9.14 9.29 15.63
CA ASN A 787 -8.37 9.91 16.70
C ASN A 787 -9.33 10.55 17.69
N ASN A 788 -8.78 10.99 18.82
CA ASN A 788 -9.56 11.63 19.87
C ASN A 788 -9.39 13.15 19.86
N LEU A 789 -9.27 13.76 18.68
CA LEU A 789 -9.03 15.19 18.55
C LEU A 789 -10.16 15.99 19.20
N THR A 790 -9.79 16.96 20.05
CA THR A 790 -10.81 17.72 20.77
C THR A 790 -11.59 18.63 19.83
N PHE A 791 -10.92 19.26 18.88
CA PHE A 791 -11.55 20.15 17.91
C PHE A 791 -10.59 20.30 16.73
N LEU A 792 -11.01 21.08 15.74
CA LEU A 792 -10.15 21.35 14.59
C LEU A 792 -9.68 22.79 14.65
N PRO A 793 -8.39 23.04 14.87
CA PRO A 793 -7.90 24.42 14.92
C PRO A 793 -7.87 25.04 13.52
N ALA A 794 -7.53 26.33 13.49
CA ALA A 794 -7.50 27.09 12.26
C ALA A 794 -6.26 26.81 11.40
N ASP A 795 -5.13 26.47 12.01
CA ASP A 795 -3.86 26.36 11.30
C ASP A 795 -3.82 25.21 10.30
N ILE A 796 -4.86 24.36 10.27
CA ILE A 796 -5.07 23.41 9.18
C ILE A 796 -5.09 24.13 7.83
N GLY A 797 -5.39 25.42 7.81
CA GLY A 797 -5.40 26.15 6.56
C GLY A 797 -4.03 26.63 6.13
N LEU A 798 -2.98 26.17 6.81
CA LEU A 798 -1.62 26.49 6.37
C LEU A 798 -1.15 25.55 5.26
N LEU A 799 -2.05 24.74 4.72
CA LEU A 799 -1.67 23.65 3.81
C LEU A 799 -2.22 23.93 2.41
N GLN A 800 -1.43 24.69 1.65
CA GLN A 800 -1.84 25.09 0.30
C GLN A 800 -1.79 23.95 -0.70
N ASN A 801 -0.74 23.11 -0.65
CA ASN A 801 -0.59 22.02 -1.60
C ASN A 801 -1.35 20.77 -1.20
N LEU A 802 -2.08 20.80 -0.08
CA LEU A 802 -2.72 19.59 0.42
C LEU A 802 -3.89 19.19 -0.47
N GLN A 803 -3.94 17.90 -0.81
CA GLN A 803 -4.87 17.38 -1.80
C GLN A 803 -5.99 16.58 -1.15
N ASN A 804 -5.67 15.55 -0.37
CA ASN A 804 -6.68 14.81 0.37
C ASN A 804 -6.50 15.08 1.86
N LEU A 805 -7.60 15.16 2.59
CA LEU A 805 -7.56 15.36 4.03
C LEU A 805 -8.63 14.47 4.66
N ALA A 806 -8.21 13.62 5.59
CA ALA A 806 -9.10 12.65 6.23
C ALA A 806 -8.93 12.74 7.75
N VAL A 807 -9.79 13.52 8.39
CA VAL A 807 -9.82 13.66 9.84
C VAL A 807 -11.04 12.91 10.36
N THR A 808 -11.39 11.84 9.66
CA THR A 808 -12.59 11.05 9.92
C THR A 808 -12.53 10.45 11.32
N ALA A 809 -13.72 10.21 11.90
CA ALA A 809 -13.87 9.54 13.20
C ALA A 809 -13.15 10.30 14.29
N ASN A 810 -13.27 11.63 14.26
CA ASN A 810 -12.71 12.48 15.30
C ASN A 810 -13.84 13.22 16.00
N ARG A 811 -13.50 14.19 16.85
CA ARG A 811 -14.47 15.04 17.52
C ARG A 811 -14.19 16.46 17.04
N ILE A 812 -14.77 16.80 15.89
CA ILE A 812 -14.47 18.04 15.17
C ILE A 812 -15.79 18.72 14.84
N GLU A 813 -15.88 20.03 15.11
CA GLU A 813 -17.16 20.72 15.01
C GLU A 813 -17.21 21.76 13.90
N ALA A 814 -16.10 22.44 13.59
CA ALA A 814 -16.13 23.51 12.60
C ALA A 814 -14.87 23.50 11.75
N LEU A 815 -15.04 23.79 10.46
CA LEU A 815 -13.90 23.98 9.56
C LEU A 815 -13.60 25.47 9.41
N PRO A 816 -12.36 25.90 9.63
CA PRO A 816 -12.05 27.34 9.62
C PRO A 816 -12.00 27.89 8.20
N PRO A 817 -12.16 29.21 8.04
CA PRO A 817 -11.95 29.82 6.72
C PRO A 817 -10.55 29.65 6.18
N GLU A 818 -9.55 29.54 7.06
CA GLU A 818 -8.18 29.32 6.59
C GLU A 818 -8.07 28.01 5.82
N LEU A 819 -8.80 26.98 6.25
CA LEU A 819 -8.83 25.72 5.51
C LEU A 819 -9.40 25.93 4.11
N PHE A 820 -10.30 26.90 3.96
CA PHE A 820 -10.88 27.15 2.64
C PHE A 820 -10.07 28.11 1.79
N GLN A 821 -9.10 28.83 2.37
CA GLN A 821 -8.14 29.54 1.51
C GLN A 821 -7.31 28.57 0.68
N CYS A 822 -7.09 27.35 1.20
CA CYS A 822 -6.40 26.32 0.43
C CYS A 822 -7.27 25.88 -0.74
N ARG A 823 -6.78 26.09 -1.96
CA ARG A 823 -7.55 25.82 -3.17
C ARG A 823 -7.46 24.36 -3.62
N LYS A 824 -6.62 23.54 -2.99
CA LYS A 824 -6.30 22.22 -3.53
C LYS A 824 -6.94 21.07 -2.76
N LEU A 825 -7.85 21.35 -1.82
CA LEU A 825 -8.57 20.28 -1.12
C LEU A 825 -9.40 19.48 -2.11
N ARG A 826 -9.18 18.17 -2.17
CA ARG A 826 -9.96 17.30 -3.05
C ARG A 826 -10.79 16.27 -2.31
N ALA A 827 -10.18 15.44 -1.48
CA ALA A 827 -10.87 14.33 -0.81
C ALA A 827 -11.00 14.66 0.67
N LEU A 828 -12.17 15.16 1.08
CA LEU A 828 -12.42 15.56 2.46
C LEU A 828 -13.30 14.50 3.11
N HIS A 829 -12.67 13.44 3.65
CA HIS A 829 -13.39 12.43 4.41
C HIS A 829 -13.64 12.97 5.81
N LEU A 830 -14.75 13.68 5.97
CA LEU A 830 -15.08 14.39 7.20
C LEU A 830 -16.22 13.74 7.97
N GLY A 831 -16.63 12.53 7.59
CA GLY A 831 -17.85 11.97 8.13
C GLY A 831 -17.70 11.32 9.50
N ASN A 832 -18.85 10.96 10.06
CA ASN A 832 -18.97 10.29 11.36
C ASN A 832 -18.27 11.16 12.43
N ASN A 833 -18.60 12.43 12.39
CA ASN A 833 -17.97 13.45 13.22
C ASN A 833 -19.07 14.16 13.99
N VAL A 834 -18.74 15.30 14.60
CA VAL A 834 -19.72 16.11 15.32
C VAL A 834 -19.76 17.51 14.72
N LEU A 835 -19.58 17.61 13.40
CA LEU A 835 -19.49 18.90 12.72
C LEU A 835 -20.79 19.69 12.87
N GLN A 836 -20.70 20.88 13.47
CA GLN A 836 -21.87 21.73 13.61
C GLN A 836 -22.30 22.30 12.27
N SER A 837 -21.44 23.05 11.62
CA SER A 837 -21.73 23.63 10.32
C SER A 837 -20.43 23.94 9.60
N LEU A 838 -20.53 24.13 8.28
CA LEU A 838 -19.41 24.57 7.49
C LEU A 838 -19.57 26.05 7.20
N PRO A 839 -18.68 26.92 7.67
CA PRO A 839 -18.79 28.35 7.40
C PRO A 839 -18.79 28.63 5.89
N SER A 840 -19.54 29.68 5.51
CA SER A 840 -19.80 29.99 4.10
C SER A 840 -18.54 30.32 3.33
N ARG A 841 -17.41 30.61 4.01
CA ARG A 841 -16.13 30.80 3.36
C ARG A 841 -15.66 29.57 2.60
N VAL A 842 -16.35 28.43 2.74
CA VAL A 842 -16.10 27.24 1.93
C VAL A 842 -16.38 27.53 0.46
N GLY A 843 -17.08 28.63 0.16
CA GLY A 843 -17.20 29.07 -1.22
C GLY A 843 -15.87 29.40 -1.87
N GLU A 844 -14.83 29.60 -1.06
CA GLU A 844 -13.48 29.80 -1.62
C GLU A 844 -12.93 28.50 -2.20
N LEU A 845 -13.44 27.35 -1.75
CA LEU A 845 -12.96 26.07 -2.25
C LEU A 845 -13.35 25.88 -3.71
N THR A 846 -12.42 25.30 -4.48
CA THR A 846 -12.63 25.05 -5.91
C THR A 846 -12.39 23.60 -6.31
N ASN A 847 -11.37 22.95 -5.76
CA ASN A 847 -10.93 21.65 -6.27
C ASN A 847 -11.51 20.48 -5.48
N LEU A 848 -12.59 20.68 -4.73
CA LEU A 848 -13.16 19.60 -3.94
C LEU A 848 -13.69 18.50 -4.85
N THR A 849 -13.30 17.25 -4.59
CA THR A 849 -13.69 16.12 -5.41
C THR A 849 -14.55 15.10 -4.69
N GLN A 850 -14.12 14.62 -3.52
CA GLN A 850 -14.85 13.61 -2.77
C GLN A 850 -15.02 14.07 -1.33
N ILE A 851 -16.25 13.99 -0.82
CA ILE A 851 -16.54 14.33 0.58
C ILE A 851 -17.54 13.31 1.13
N GLU A 852 -17.37 12.94 2.39
CA GLU A 852 -18.26 11.99 3.04
C GLU A 852 -18.95 12.70 4.20
N LEU A 853 -20.29 12.75 4.14
CA LEU A 853 -21.06 13.44 5.18
C LEU A 853 -22.15 12.60 5.81
N ARG A 854 -22.28 11.32 5.45
CA ARG A 854 -23.14 10.42 6.22
C ARG A 854 -22.64 10.35 7.65
N GLY A 855 -23.44 10.90 8.56
CA GLY A 855 -23.00 11.15 9.91
C GLY A 855 -23.02 12.64 10.21
N ASN A 856 -22.08 13.09 11.05
CA ASN A 856 -21.92 14.49 11.42
C ASN A 856 -23.17 15.09 12.06
N ARG A 857 -23.20 16.41 12.22
CA ARG A 857 -24.37 17.12 12.75
C ARG A 857 -24.75 18.30 11.87
N LEU A 858 -24.41 18.26 10.58
CA LEU A 858 -24.66 19.40 9.70
C LEU A 858 -26.17 19.57 9.52
N GLU A 859 -26.69 20.68 10.04
CA GLU A 859 -28.13 20.91 10.12
C GLU A 859 -28.78 20.95 8.75
N CYS A 860 -28.17 21.69 7.82
CA CYS A 860 -28.65 21.76 6.45
C CYS A 860 -27.45 22.02 5.54
N LEU A 861 -27.58 21.59 4.28
CA LEU A 861 -26.48 21.77 3.34
C LEU A 861 -26.32 23.24 2.99
N PRO A 862 -25.14 23.82 3.19
CA PRO A 862 -24.83 25.07 2.49
C PRO A 862 -24.81 24.83 0.99
N VAL A 863 -25.30 25.81 0.23
CA VAL A 863 -25.30 25.69 -1.22
C VAL A 863 -23.88 25.67 -1.80
N GLU A 864 -22.89 26.11 -1.02
CA GLU A 864 -21.50 26.08 -1.46
C GLU A 864 -21.00 24.65 -1.65
N LEU A 865 -21.56 23.69 -0.92
CA LEU A 865 -21.23 22.29 -1.17
C LEU A 865 -21.66 21.87 -2.57
N GLY A 866 -22.74 22.46 -3.07
CA GLY A 866 -23.12 22.23 -4.45
C GLY A 866 -22.31 23.03 -5.45
N GLU A 867 -21.56 24.02 -4.95
CA GLU A 867 -20.81 24.90 -5.85
C GLU A 867 -19.55 24.22 -6.38
N CYS A 868 -19.03 23.25 -5.65
CA CYS A 868 -17.74 22.67 -5.99
C CYS A 868 -17.81 21.92 -7.32
N PRO A 869 -17.04 22.33 -8.34
CA PRO A 869 -17.18 21.73 -9.67
C PRO A 869 -16.67 20.30 -9.75
N LEU A 870 -15.46 20.05 -9.27
CA LEU A 870 -14.89 18.70 -9.32
C LEU A 870 -15.66 17.73 -8.45
N LEU A 871 -16.36 18.24 -7.43
CA LEU A 871 -17.22 17.40 -6.61
C LEU A 871 -18.47 17.00 -7.37
N LYS A 872 -18.55 15.71 -7.70
CA LYS A 872 -19.70 15.19 -8.45
C LYS A 872 -20.58 14.34 -7.53
N ARG A 873 -21.60 13.70 -8.10
CA ARG A 873 -22.50 12.87 -7.31
C ARG A 873 -21.77 11.70 -6.67
N SER A 874 -20.80 11.14 -7.37
CA SER A 874 -19.98 10.08 -6.79
C SER A 874 -19.12 10.61 -5.65
N GLY A 875 -18.65 11.85 -5.77
CA GLY A 875 -17.82 12.41 -4.73
C GLY A 875 -18.61 13.01 -3.58
N LEU A 876 -19.76 13.62 -3.91
CA LEU A 876 -20.63 14.23 -2.90
C LEU A 876 -21.52 13.14 -2.31
N VAL A 877 -20.93 12.33 -1.43
CA VAL A 877 -21.66 11.29 -0.71
C VAL A 877 -22.39 11.98 0.44
N VAL A 878 -23.66 12.35 0.22
CA VAL A 878 -24.34 13.29 1.09
C VAL A 878 -25.75 12.76 1.35
N GLU A 879 -26.36 13.24 2.44
CA GLU A 879 -27.76 12.97 2.70
C GLU A 879 -28.64 13.58 1.61
N GLU A 880 -29.87 13.09 1.49
CA GLU A 880 -30.71 13.44 0.36
C GLU A 880 -31.66 14.59 0.68
N ASP A 881 -32.15 14.65 1.92
CA ASP A 881 -33.13 15.67 2.29
C ASP A 881 -32.52 17.06 2.25
N LEU A 882 -31.33 17.22 2.83
CA LEU A 882 -30.67 18.52 2.82
C LEU A 882 -30.21 18.89 1.41
N PHE A 883 -29.99 17.88 0.56
CA PHE A 883 -29.78 18.14 -0.86
C PHE A 883 -31.05 18.67 -1.51
N SER A 884 -32.21 18.15 -1.09
CA SER A 884 -33.48 18.64 -1.60
C SER A 884 -33.81 20.03 -1.09
N THR A 885 -33.24 20.44 0.05
CA THR A 885 -33.43 21.82 0.52
C THR A 885 -32.81 22.83 -0.43
N LEU A 886 -31.84 22.41 -1.24
CA LEU A 886 -31.23 23.32 -2.20
C LEU A 886 -32.23 23.66 -3.32
N PRO A 887 -32.04 24.79 -3.99
CA PRO A 887 -32.91 25.15 -5.12
C PRO A 887 -32.86 24.09 -6.20
N PRO A 888 -34.01 23.77 -6.81
CA PRO A 888 -34.04 22.68 -7.82
C PRO A 888 -33.18 22.94 -9.05
N GLU A 889 -32.94 24.20 -9.41
CA GLU A 889 -32.21 24.46 -10.65
C GLU A 889 -30.71 24.24 -10.47
N VAL A 890 -30.19 24.47 -9.27
CA VAL A 890 -28.80 24.12 -9.00
C VAL A 890 -28.61 22.61 -9.06
N LYS A 891 -29.57 21.87 -8.49
CA LYS A 891 -29.58 20.41 -8.62
C LYS A 891 -29.67 19.98 -10.09
N GLU A 892 -30.45 20.73 -10.88
CA GLU A 892 -30.55 20.43 -12.31
C GLU A 892 -29.24 20.67 -13.02
N ARG A 893 -28.52 21.74 -12.65
CA ARG A 893 -27.21 22.01 -13.24
C ARG A 893 -26.22 20.90 -12.90
N LEU A 894 -26.21 20.45 -11.65
CA LEU A 894 -25.34 19.33 -11.27
C LEU A 894 -25.74 18.06 -12.01
N TRP A 895 -27.05 17.81 -12.15
CA TRP A 895 -27.53 16.65 -12.87
C TRP A 895 -27.08 16.69 -14.33
N ARG A 896 -27.20 17.86 -14.96
CA ARG A 896 -26.81 18.01 -16.36
C ARG A 896 -25.31 17.85 -16.53
N ALA A 897 -24.53 18.30 -15.54
CA ALA A 897 -23.10 18.04 -15.55
C ALA A 897 -22.84 16.53 -15.45
N ASP A 898 -23.70 15.81 -14.73
CA ASP A 898 -23.51 14.37 -14.60
C ASP A 898 -23.89 13.63 -15.88
N LYS A 899 -24.98 14.04 -16.55
CA LYS A 899 -25.54 13.22 -17.61
C LYS A 899 -25.42 13.89 -18.98
N GLU A 900 -25.61 15.21 -19.04
CA GLU A 900 -25.71 15.96 -20.30
C GLU A 900 -26.76 15.35 -21.25
#